data_6XVA
#
_entry.id   6XVA
#
_cell.length_a   88.135
_cell.length_b   90.045
_cell.length_c   90.745
_cell.angle_alpha   90.000
_cell.angle_beta   90.000
_cell.angle_gamma   90.000
#
_symmetry.space_group_name_H-M   'P 21 21 21'
#
loop_
_entity.id
_entity.type
_entity.pdbx_description
1 polymer 'Mast/stem cell growth factor receptor Kit,Mast/stem cell growth factor receptor Kit'
2 non-polymer ~{N}-[[3-[2-[3-methoxy-5-(7-methoxyquinolin-4-yl)oxy-pyridin-2-yl]ethanoylamino]-5-methyl-phenyl]methyl]propanamide
3 water water
#
_entity_poly.entity_id   1
_entity_poly.type   'polypeptide(L)'
_entity_poly.pdbx_seq_one_letter_code
;GSHMPMYEVQWKVVEESNGNNYSYIDPTQLPYDHKWEFPRNRLSFGKTLGAGAFGKVVEATAQGLIKSDAAMTVAVKMLK
PSAHSTEREALMSELKVLSYLGNHENIVNLLGACTHGGPTLVITEYCCYGDLLNFLRRKRDEFVPYKVAPEDLYKDFLTL
EHLLSFSYQVAKGMAFLASKNCIHRDLAARNILLTHGNITKICDFGLARDIKNDSNYVDKGNARLPVKWMAPESIFNSVY
TFESDVWSYGIFLWELFSLGSSPYPGMPVDSKFYKMIKEGFRMSSPEYAPAEMYDIMKTCWDADPDKRPTFKQIVQDIEK
QISESTNH
;
_entity_poly.pdbx_strand_id   A,B
#
# COMPACT_ATOMS: atom_id res chain seq x y z
N SER A 23 -18.86 -5.22 -27.53
CA SER A 23 -17.45 -5.10 -27.91
C SER A 23 -17.28 -4.23 -29.15
N TYR A 24 -16.41 -3.19 -29.04
CA TYR A 24 -16.17 -2.27 -30.15
C TYR A 24 -14.88 -2.55 -30.86
N ILE A 25 -13.87 -3.01 -30.11
CA ILE A 25 -12.55 -3.34 -30.62
C ILE A 25 -12.38 -4.86 -30.60
N ASP A 26 -11.61 -5.42 -31.53
CA ASP A 26 -11.27 -6.85 -31.51
C ASP A 26 -9.88 -6.92 -30.86
N PRO A 27 -9.82 -7.43 -29.62
CA PRO A 27 -8.54 -7.47 -28.90
C PRO A 27 -7.52 -8.40 -29.53
N THR A 28 -7.97 -9.34 -30.38
CA THR A 28 -7.07 -10.29 -31.07
C THR A 28 -6.29 -9.58 -32.18
N GLN A 29 -6.78 -8.40 -32.63
CA GLN A 29 -6.13 -7.63 -33.71
C GLN A 29 -5.23 -6.54 -33.13
N LEU A 30 -5.24 -6.40 -31.79
CA LEU A 30 -4.41 -5.44 -31.07
C LEU A 30 -2.97 -5.97 -31.05
N PRO A 31 -1.94 -5.10 -31.03
CA PRO A 31 -0.56 -5.62 -31.02
C PRO A 31 -0.02 -5.90 -29.61
N TYR A 32 1.05 -6.69 -29.55
CA TYR A 32 1.78 -6.93 -28.32
C TYR A 32 3.19 -6.40 -28.49
N ASP A 33 3.47 -5.32 -27.75
CA ASP A 33 4.78 -4.65 -27.74
C ASP A 33 5.71 -5.47 -26.89
N HIS A 34 6.78 -5.99 -27.49
CA HIS A 34 7.76 -6.82 -26.79
C HIS A 34 8.60 -6.03 -25.76
N LYS A 35 8.32 -4.70 -25.58
CA LYS A 35 8.92 -3.84 -24.56
C LYS A 35 8.43 -4.30 -23.17
N TRP A 36 7.29 -5.02 -23.14
CA TRP A 36 6.66 -5.58 -21.97
C TRP A 36 7.29 -6.88 -21.47
N GLU A 37 7.93 -7.65 -22.37
CA GLU A 37 8.53 -8.95 -22.06
C GLU A 37 9.52 -8.88 -20.87
N PHE A 38 9.28 -9.77 -19.88
CA PHE A 38 10.05 -9.92 -18.64
C PHE A 38 10.55 -11.39 -18.48
N PRO A 39 11.80 -11.65 -18.00
CA PRO A 39 12.23 -13.06 -17.80
C PRO A 39 11.51 -13.69 -16.61
N ARG A 40 10.79 -14.81 -16.83
CA ARG A 40 10.01 -15.48 -15.79
C ARG A 40 10.87 -16.10 -14.68
N ASN A 41 12.17 -16.28 -14.94
CA ASN A 41 13.13 -16.79 -13.96
C ASN A 41 13.39 -15.74 -12.86
N ARG A 42 13.07 -14.46 -13.16
CA ARG A 42 13.23 -13.32 -12.24
C ARG A 42 12.00 -13.11 -11.30
N LEU A 43 10.96 -13.96 -11.43
CA LEU A 43 9.75 -13.92 -10.60
C LEU A 43 9.71 -15.02 -9.53
N SER A 44 9.63 -14.65 -8.25
CA SER A 44 9.46 -15.59 -7.12
C SER A 44 7.97 -15.51 -6.64
N PHE A 45 7.17 -16.56 -6.88
CA PHE A 45 5.73 -16.59 -6.53
C PHE A 45 5.41 -16.82 -5.05
N GLY A 46 4.49 -16.01 -4.53
CA GLY A 46 4.03 -16.06 -3.14
C GLY A 46 2.59 -16.51 -3.03
N LYS A 47 1.85 -15.90 -2.08
CA LYS A 47 0.45 -16.25 -1.81
C LYS A 47 -0.52 -15.95 -2.97
N THR A 48 -1.64 -16.68 -3.00
CA THR A 48 -2.69 -16.49 -4.00
C THR A 48 -3.62 -15.38 -3.52
N LEU A 49 -3.80 -14.35 -4.34
CA LEU A 49 -4.63 -13.20 -4.04
C LEU A 49 -6.09 -13.45 -4.41
N GLY A 50 -6.29 -14.29 -5.39
CA GLY A 50 -7.60 -14.68 -5.90
C GLY A 50 -7.42 -15.83 -6.87
N ALA A 51 -8.39 -16.76 -6.91
CA ALA A 51 -8.36 -17.92 -7.80
C ALA A 51 -9.76 -18.38 -8.19
N GLY A 52 -9.89 -18.79 -9.45
CA GLY A 52 -11.11 -19.30 -10.04
C GLY A 52 -10.87 -20.68 -10.61
N ALA A 53 -11.80 -21.18 -11.42
CA ALA A 53 -11.67 -22.52 -12.02
C ALA A 53 -10.44 -22.65 -12.92
N PHE A 54 -10.19 -21.63 -13.77
CA PHE A 54 -9.16 -21.66 -14.81
C PHE A 54 -8.01 -20.70 -14.65
N GLY A 55 -8.07 -19.80 -13.69
CA GLY A 55 -6.99 -18.83 -13.48
C GLY A 55 -6.80 -18.39 -12.05
N LYS A 56 -5.71 -17.64 -11.81
CA LYS A 56 -5.37 -17.09 -10.49
C LYS A 56 -4.56 -15.79 -10.56
N VAL A 57 -4.60 -15.02 -9.47
CA VAL A 57 -3.81 -13.81 -9.26
C VAL A 57 -2.92 -14.18 -8.08
N VAL A 58 -1.61 -14.12 -8.27
CA VAL A 58 -0.63 -14.52 -7.26
C VAL A 58 0.28 -13.29 -6.96
N GLU A 59 0.70 -13.15 -5.71
CA GLU A 59 1.62 -12.12 -5.26
C GLU A 59 3.00 -12.63 -5.66
N ALA A 60 3.88 -11.78 -6.18
CA ALA A 60 5.23 -12.23 -6.52
C ALA A 60 6.23 -11.13 -6.31
N THR A 61 7.50 -11.51 -6.24
CA THR A 61 8.65 -10.61 -6.13
C THR A 61 9.36 -10.64 -7.49
N ALA A 62 9.46 -9.49 -8.16
CA ALA A 62 10.12 -9.37 -9.45
C ALA A 62 11.46 -8.69 -9.24
N GLN A 63 12.52 -9.39 -9.65
CA GLN A 63 13.91 -8.95 -9.56
C GLN A 63 14.36 -8.32 -10.86
N GLY A 64 15.12 -7.23 -10.75
CA GLY A 64 15.62 -6.49 -11.91
C GLY A 64 14.57 -5.84 -12.78
N LEU A 65 13.33 -5.70 -12.26
CA LEU A 65 12.22 -5.01 -12.91
C LEU A 65 12.54 -3.51 -12.76
N ILE A 66 13.18 -3.15 -11.63
CA ILE A 66 13.63 -1.80 -11.32
C ILE A 66 15.05 -1.62 -11.91
N LYS A 67 15.36 -0.39 -12.39
CA LYS A 67 16.66 -0.01 -12.95
C LYS A 67 17.86 -0.29 -12.00
N SER A 68 17.67 -0.06 -10.67
CA SER A 68 18.67 -0.26 -9.59
C SER A 68 18.89 -1.74 -9.20
N ASP A 69 18.04 -2.66 -9.75
CA ASP A 69 18.01 -4.11 -9.56
C ASP A 69 17.53 -4.49 -8.15
N ALA A 70 16.65 -3.64 -7.60
CA ALA A 70 15.97 -3.84 -6.34
C ALA A 70 14.70 -4.66 -6.66
N ALA A 71 14.37 -5.62 -5.78
CA ALA A 71 13.20 -6.48 -5.97
C ALA A 71 11.94 -5.68 -5.64
N MET A 72 10.82 -6.02 -6.29
CA MET A 72 9.57 -5.35 -6.02
C MET A 72 8.40 -6.33 -6.07
N THR A 73 7.36 -6.02 -5.29
CA THR A 73 6.13 -6.79 -5.21
C THR A 73 5.23 -6.40 -6.37
N VAL A 74 4.77 -7.42 -7.08
CA VAL A 74 3.90 -7.33 -8.24
C VAL A 74 2.73 -8.32 -8.04
N ALA A 75 1.68 -8.22 -8.86
CA ALA A 75 0.56 -9.15 -8.89
C ALA A 75 0.62 -9.83 -10.26
N VAL A 76 0.66 -11.17 -10.28
CA VAL A 76 0.74 -11.94 -11.53
C VAL A 76 -0.55 -12.69 -11.80
N LYS A 77 -1.20 -12.41 -12.94
CA LYS A 77 -2.39 -13.15 -13.36
C LYS A 77 -1.92 -14.19 -14.33
N MET A 78 -2.41 -15.41 -14.14
CA MET A 78 -2.02 -16.57 -14.93
C MET A 78 -3.09 -17.63 -14.90
N LEU A 79 -3.01 -18.56 -15.83
CA LEU A 79 -3.96 -19.66 -15.92
C LEU A 79 -3.48 -20.90 -15.17
N LYS A 80 -4.46 -21.68 -14.70
CA LYS A 80 -4.28 -22.97 -14.00
C LYS A 80 -4.19 -24.07 -15.09
N PRO A 81 -3.49 -25.22 -14.83
CA PRO A 81 -3.42 -26.33 -15.84
C PRO A 81 -4.79 -26.84 -16.33
N SER A 82 -5.86 -26.44 -15.64
CA SER A 82 -7.25 -26.73 -15.90
C SER A 82 -7.78 -25.90 -17.09
N ALA A 83 -7.09 -24.81 -17.47
CA ALA A 83 -7.51 -23.92 -18.56
C ALA A 83 -7.47 -24.58 -19.93
N HIS A 84 -8.39 -24.18 -20.82
CA HIS A 84 -8.47 -24.71 -22.19
C HIS A 84 -7.99 -23.63 -23.12
N SER A 85 -8.09 -23.85 -24.45
CA SER A 85 -7.62 -22.87 -25.46
C SER A 85 -8.39 -21.56 -25.41
N THR A 86 -9.68 -21.61 -24.97
CA THR A 86 -10.53 -20.42 -24.84
C THR A 86 -9.91 -19.45 -23.83
N GLU A 87 -9.51 -19.99 -22.66
CA GLU A 87 -8.93 -19.25 -21.55
C GLU A 87 -7.52 -18.76 -21.88
N ARG A 88 -6.82 -19.49 -22.72
CA ARG A 88 -5.47 -19.13 -23.19
C ARG A 88 -5.51 -17.96 -24.15
N GLU A 89 -6.57 -17.93 -24.98
CA GLU A 89 -6.82 -16.85 -25.92
C GLU A 89 -7.29 -15.61 -25.17
N ALA A 90 -8.20 -15.79 -24.18
CA ALA A 90 -8.79 -14.76 -23.32
C ALA A 90 -7.71 -14.02 -22.55
N LEU A 91 -6.71 -14.77 -21.98
CA LEU A 91 -5.61 -14.16 -21.26
C LEU A 91 -4.68 -13.36 -22.19
N MET A 92 -4.46 -13.85 -23.44
CA MET A 92 -3.62 -13.12 -24.42
C MET A 92 -4.31 -11.84 -24.89
N SER A 93 -5.65 -11.87 -25.13
CA SER A 93 -6.48 -10.71 -25.51
C SER A 93 -6.51 -9.66 -24.36
N GLU A 94 -6.52 -10.14 -23.10
CA GLU A 94 -6.52 -9.31 -21.89
C GLU A 94 -5.22 -8.54 -21.81
N LEU A 95 -4.10 -9.22 -22.11
CA LEU A 95 -2.75 -8.68 -22.09
C LEU A 95 -2.63 -7.59 -23.16
N LYS A 96 -3.13 -7.87 -24.38
CA LYS A 96 -3.15 -6.95 -25.52
C LYS A 96 -3.99 -5.71 -25.22
N VAL A 97 -5.09 -5.83 -24.43
CA VAL A 97 -5.98 -4.72 -24.03
C VAL A 97 -5.27 -3.87 -22.98
N LEU A 98 -4.71 -4.51 -21.93
CA LEU A 98 -3.95 -3.84 -20.87
C LEU A 98 -2.74 -3.08 -21.42
N SER A 99 -2.05 -3.66 -22.40
CA SER A 99 -0.90 -3.10 -23.10
C SER A 99 -1.33 -1.87 -23.94
N TYR A 100 -2.48 -1.98 -24.64
CA TYR A 100 -3.08 -0.97 -25.50
C TYR A 100 -3.56 0.28 -24.75
N LEU A 101 -4.25 0.07 -23.62
CA LEU A 101 -4.80 1.08 -22.74
C LEU A 101 -3.74 2.08 -22.22
N GLY A 102 -2.56 1.57 -21.87
CA GLY A 102 -1.50 2.40 -21.34
C GLY A 102 -1.73 2.73 -19.89
N ASN A 103 -0.81 3.49 -19.31
CA ASN A 103 -0.83 3.81 -17.90
C ASN A 103 -1.64 5.07 -17.55
N HIS A 104 -2.85 4.85 -16.95
CA HIS A 104 -3.82 5.77 -16.35
C HIS A 104 -3.83 5.48 -14.84
N GLU A 105 -4.02 6.53 -14.03
CA GLU A 105 -4.00 6.47 -12.57
C GLU A 105 -5.12 5.67 -11.93
N ASN A 106 -6.29 5.49 -12.60
CA ASN A 106 -7.43 4.80 -11.99
C ASN A 106 -7.71 3.46 -12.62
N ILE A 107 -6.65 2.86 -13.17
CA ILE A 107 -6.63 1.54 -13.82
C ILE A 107 -5.40 0.76 -13.24
N VAL A 108 -5.46 -0.59 -13.08
CA VAL A 108 -4.26 -1.37 -12.66
C VAL A 108 -3.21 -1.15 -13.74
N ASN A 109 -2.00 -0.82 -13.31
CA ASN A 109 -0.98 -0.57 -14.32
C ASN A 109 -0.13 -1.82 -14.57
N LEU A 110 -0.08 -2.22 -15.87
CA LEU A 110 0.70 -3.30 -16.41
C LEU A 110 2.16 -2.90 -16.28
N LEU A 111 2.99 -3.81 -15.76
CA LEU A 111 4.42 -3.59 -15.59
C LEU A 111 5.20 -4.43 -16.56
N GLY A 112 4.66 -5.59 -16.90
CA GLY A 112 5.32 -6.52 -17.82
C GLY A 112 4.53 -7.79 -18.07
N ALA A 113 5.11 -8.71 -18.84
CA ALA A 113 4.49 -10.00 -19.16
C ALA A 113 5.52 -11.01 -19.61
N CYS A 114 5.17 -12.29 -19.50
CA CYS A 114 5.98 -13.43 -19.95
C CYS A 114 5.10 -14.17 -20.95
N THR A 115 5.43 -14.01 -22.26
CA THR A 115 4.74 -14.62 -23.39
C THR A 115 5.55 -15.83 -23.94
N HIS A 116 6.90 -15.77 -23.89
CA HIS A 116 7.79 -16.88 -24.31
C HIS A 116 8.20 -17.75 -23.08
N GLY A 117 8.78 -18.92 -23.39
CA GLY A 117 9.30 -19.87 -22.42
C GLY A 117 8.28 -20.61 -21.59
N GLY A 118 7.00 -20.39 -21.88
CA GLY A 118 5.92 -21.05 -21.15
C GLY A 118 4.58 -20.34 -21.17
N PRO A 119 3.73 -20.66 -20.16
CA PRO A 119 2.40 -20.01 -20.10
C PRO A 119 2.46 -18.51 -19.85
N THR A 120 1.43 -17.78 -20.36
CA THR A 120 1.28 -16.32 -20.25
C THR A 120 1.13 -15.88 -18.78
N LEU A 121 1.94 -14.90 -18.41
CA LEU A 121 1.93 -14.28 -17.09
C LEU A 121 1.75 -12.81 -17.36
N VAL A 122 0.66 -12.22 -16.82
CA VAL A 122 0.34 -10.79 -16.94
C VAL A 122 0.77 -10.17 -15.60
N ILE A 123 1.84 -9.34 -15.61
CA ILE A 123 2.38 -8.67 -14.40
C ILE A 123 1.87 -7.23 -14.22
N THR A 124 1.17 -6.95 -13.13
CA THR A 124 0.67 -5.61 -12.80
C THR A 124 1.25 -5.18 -11.46
N GLU A 125 0.97 -3.93 -11.08
CA GLU A 125 1.36 -3.34 -9.81
C GLU A 125 0.58 -4.03 -8.69
N TYR A 126 1.10 -4.01 -7.48
CA TYR A 126 0.41 -4.61 -6.36
C TYR A 126 -0.31 -3.48 -5.65
N CYS A 127 -1.65 -3.63 -5.46
CA CYS A 127 -2.50 -2.66 -4.76
C CYS A 127 -2.60 -3.06 -3.30
N CYS A 128 -1.93 -2.31 -2.41
CA CYS A 128 -1.77 -2.48 -0.96
C CYS A 128 -2.96 -3.09 -0.21
N TYR A 129 -4.18 -2.57 -0.47
CA TYR A 129 -5.37 -2.84 0.31
C TYR A 129 -6.40 -3.77 -0.34
N GLY A 130 -6.05 -4.36 -1.49
CA GLY A 130 -6.89 -5.32 -2.21
C GLY A 130 -8.17 -4.75 -2.78
N ASP A 131 -9.17 -5.62 -3.03
CA ASP A 131 -10.42 -5.17 -3.62
C ASP A 131 -11.24 -4.25 -2.69
N LEU A 132 -11.96 -3.26 -3.30
CA LEU A 132 -12.76 -2.25 -2.59
C LEU A 132 -13.91 -2.86 -1.84
N LEU A 133 -14.58 -3.90 -2.40
CA LEU A 133 -15.67 -4.56 -1.69
C LEU A 133 -15.31 -4.99 -0.27
N ASN A 134 -14.23 -5.80 -0.14
CA ASN A 134 -13.79 -6.29 1.16
C ASN A 134 -13.25 -5.19 2.06
N PHE A 135 -12.56 -4.18 1.50
CA PHE A 135 -12.10 -3.00 2.26
C PHE A 135 -13.35 -2.29 2.86
N LEU A 136 -14.42 -2.02 2.03
CA LEU A 136 -15.67 -1.37 2.49
C LEU A 136 -16.35 -2.14 3.63
N ARG A 137 -16.42 -3.48 3.54
CA ARG A 137 -17.04 -4.35 4.54
C ARG A 137 -16.22 -4.37 5.84
N ARG A 138 -14.90 -4.27 5.71
CA ARG A 138 -13.94 -4.23 6.81
C ARG A 138 -14.04 -2.89 7.57
N LYS A 139 -14.20 -1.77 6.85
CA LYS A 139 -14.28 -0.42 7.42
C LYS A 139 -15.69 0.04 7.77
N ARG A 140 -16.71 -0.81 7.52
CA ARG A 140 -18.15 -0.62 7.80
C ARG A 140 -18.42 -0.09 9.20
N ASP A 141 -17.85 -0.76 10.21
CA ASP A 141 -18.06 -0.43 11.61
C ASP A 141 -17.15 0.70 12.11
N GLU A 142 -16.19 1.15 11.28
CA GLU A 142 -15.26 2.25 11.54
C GLU A 142 -15.46 3.36 10.49
N PHE A 143 -16.73 3.80 10.36
CA PHE A 143 -17.16 4.81 9.39
C PHE A 143 -17.86 5.98 10.09
N VAL A 144 -17.50 7.20 9.68
CA VAL A 144 -18.06 8.45 10.20
C VAL A 144 -18.42 9.31 9.00
N PRO A 145 -19.66 9.82 8.83
CA PRO A 145 -19.94 10.69 7.65
C PRO A 145 -19.05 11.93 7.55
N TYR A 146 -18.82 12.64 8.68
CA TYR A 146 -17.97 13.83 8.71
C TYR A 146 -17.01 13.81 9.90
N ASP A 156 -7.56 6.30 11.38
CA ASP A 156 -7.75 5.75 10.04
C ASP A 156 -9.27 5.50 9.70
N PHE A 157 -10.17 6.35 10.23
CA PHE A 157 -11.63 6.26 10.00
C PHE A 157 -12.00 6.59 8.54
N LEU A 158 -12.91 5.77 7.95
CA LEU A 158 -13.44 6.00 6.60
C LEU A 158 -14.53 7.09 6.72
N THR A 159 -14.56 8.06 5.77
CA THR A 159 -15.52 9.17 5.79
C THR A 159 -16.25 9.30 4.45
N LEU A 160 -17.23 10.25 4.33
CA LEU A 160 -17.94 10.51 3.07
C LEU A 160 -17.01 11.11 2.03
N GLU A 161 -15.97 11.84 2.49
CA GLU A 161 -14.96 12.45 1.66
C GLU A 161 -14.23 11.38 0.84
N HIS A 162 -13.94 10.21 1.49
CA HIS A 162 -13.28 9.05 0.86
C HIS A 162 -14.18 8.42 -0.15
N LEU A 163 -15.47 8.19 0.20
CA LEU A 163 -16.47 7.58 -0.68
C LEU A 163 -16.69 8.42 -1.91
N LEU A 164 -16.79 9.73 -1.74
CA LEU A 164 -16.97 10.71 -2.83
C LEU A 164 -15.74 10.69 -3.75
N SER A 165 -14.53 10.52 -3.17
CA SER A 165 -13.27 10.46 -3.93
C SER A 165 -13.18 9.14 -4.69
N PHE A 166 -13.69 8.05 -4.12
CA PHE A 166 -13.68 6.73 -4.78
C PHE A 166 -14.66 6.72 -5.94
N SER A 167 -15.85 7.33 -5.77
CA SER A 167 -16.85 7.40 -6.83
C SER A 167 -16.34 8.22 -8.03
N TYR A 168 -15.60 9.31 -7.76
CA TYR A 168 -14.98 10.20 -8.75
C TYR A 168 -13.86 9.49 -9.55
N GLN A 169 -12.97 8.79 -8.82
CA GLN A 169 -11.85 8.04 -9.38
C GLN A 169 -12.30 6.91 -10.28
N VAL A 170 -13.34 6.19 -9.91
CA VAL A 170 -13.90 5.10 -10.70
C VAL A 170 -14.56 5.64 -11.98
N ALA A 171 -15.27 6.79 -11.92
CA ALA A 171 -15.86 7.40 -13.11
C ALA A 171 -14.74 7.95 -14.00
N LYS A 172 -13.63 8.50 -13.41
CA LYS A 172 -12.47 8.98 -14.19
C LYS A 172 -11.84 7.83 -14.98
N GLY A 173 -11.63 6.71 -14.30
CA GLY A 173 -11.05 5.50 -14.89
C GLY A 173 -11.93 4.92 -15.96
N MET A 174 -13.26 4.90 -15.72
CA MET A 174 -14.26 4.41 -16.67
C MET A 174 -14.41 5.33 -17.90
N ALA A 175 -14.31 6.64 -17.69
CA ALA A 175 -14.31 7.67 -18.74
C ALA A 175 -13.09 7.44 -19.68
N PHE A 176 -11.96 7.02 -19.09
CA PHE A 176 -10.73 6.70 -19.82
C PHE A 176 -10.95 5.44 -20.67
N LEU A 177 -11.47 4.35 -20.10
CA LEU A 177 -11.75 3.12 -20.84
C LEU A 177 -12.73 3.36 -22.00
N ALA A 178 -13.76 4.20 -21.80
CA ALA A 178 -14.74 4.49 -22.82
C ALA A 178 -14.12 5.26 -23.98
N SER A 179 -13.17 6.17 -23.69
CA SER A 179 -12.44 6.94 -24.71
C SER A 179 -11.52 6.04 -25.56
N LYS A 180 -11.04 4.90 -24.95
CA LYS A 180 -10.19 3.87 -25.57
C LYS A 180 -11.05 2.75 -26.16
N ASN A 181 -12.38 3.00 -26.25
CA ASN A 181 -13.39 2.09 -26.82
C ASN A 181 -13.47 0.71 -26.14
N CYS A 182 -13.19 0.67 -24.85
CA CYS A 182 -13.27 -0.50 -23.98
C CYS A 182 -14.54 -0.48 -23.14
N ILE A 183 -15.26 -1.62 -23.15
CA ILE A 183 -16.42 -1.93 -22.32
C ILE A 183 -15.89 -2.95 -21.31
N HIS A 184 -15.99 -2.63 -20.02
CA HIS A 184 -15.52 -3.48 -18.94
C HIS A 184 -16.31 -4.79 -18.84
N ARG A 185 -17.65 -4.69 -18.93
CA ARG A 185 -18.65 -5.78 -18.87
C ARG A 185 -18.88 -6.33 -17.44
N ASP A 186 -18.00 -5.96 -16.47
CA ASP A 186 -18.15 -6.46 -15.09
C ASP A 186 -17.74 -5.41 -14.04
N LEU A 187 -18.24 -4.16 -14.23
CA LEU A 187 -17.97 -3.09 -13.28
C LEU A 187 -18.74 -3.35 -11.96
N ALA A 188 -17.99 -3.48 -10.84
CA ALA A 188 -18.44 -3.78 -9.47
C ALA A 188 -17.32 -3.42 -8.47
N ALA A 189 -17.65 -3.27 -7.17
CA ALA A 189 -16.68 -2.95 -6.11
C ALA A 189 -15.59 -4.03 -5.99
N ARG A 190 -15.96 -5.27 -6.35
CA ARG A 190 -15.08 -6.46 -6.32
C ARG A 190 -13.96 -6.39 -7.36
N ASN A 191 -14.16 -5.59 -8.43
CA ASN A 191 -13.24 -5.38 -9.55
C ASN A 191 -12.64 -3.98 -9.52
N ILE A 192 -12.60 -3.38 -8.33
CA ILE A 192 -11.97 -2.10 -8.07
C ILE A 192 -10.98 -2.44 -6.96
N LEU A 193 -9.74 -1.96 -7.09
CA LEU A 193 -8.67 -2.16 -6.12
C LEU A 193 -8.32 -0.85 -5.39
N LEU A 194 -7.90 -0.96 -4.13
CA LEU A 194 -7.51 0.19 -3.35
C LEU A 194 -6.01 0.14 -3.06
N THR A 195 -5.29 1.22 -3.39
CA THR A 195 -3.85 1.32 -3.17
C THR A 195 -3.50 2.55 -2.29
N HIS A 196 -2.23 2.98 -2.26
CA HIS A 196 -1.70 4.14 -1.53
C HIS A 196 -2.48 5.44 -1.81
N GLY A 197 -2.45 6.37 -0.86
CA GLY A 197 -3.07 7.70 -0.95
C GLY A 197 -4.53 7.68 -1.36
N ASN A 198 -5.25 6.62 -0.96
CA ASN A 198 -6.66 6.37 -1.22
C ASN A 198 -7.00 6.40 -2.73
N ILE A 199 -6.09 5.84 -3.52
CA ILE A 199 -6.24 5.70 -4.96
C ILE A 199 -6.96 4.39 -5.30
N THR A 200 -8.11 4.47 -6.02
CA THR A 200 -8.86 3.32 -6.50
C THR A 200 -8.44 3.04 -7.95
N LYS A 201 -8.29 1.74 -8.30
CA LYS A 201 -7.88 1.26 -9.61
C LYS A 201 -8.82 0.20 -10.14
N ILE A 202 -9.36 0.40 -11.33
CA ILE A 202 -10.24 -0.56 -11.99
C ILE A 202 -9.43 -1.78 -12.42
N CYS A 203 -9.92 -2.97 -12.09
CA CYS A 203 -9.25 -4.19 -12.53
C CYS A 203 -10.26 -5.15 -13.14
N ASP A 204 -9.87 -6.40 -13.35
CA ASP A 204 -10.76 -7.43 -13.85
C ASP A 204 -10.16 -8.77 -13.49
N PHE A 205 -10.61 -9.34 -12.35
CA PHE A 205 -10.15 -10.65 -11.87
C PHE A 205 -10.51 -11.70 -12.90
N GLY A 206 -11.70 -11.58 -13.50
CA GLY A 206 -12.19 -12.47 -14.55
C GLY A 206 -12.08 -13.92 -14.15
N LEU A 207 -11.21 -14.65 -14.84
CA LEU A 207 -10.92 -16.08 -14.63
C LEU A 207 -10.26 -16.36 -13.29
N ALA A 208 -9.71 -15.31 -12.62
CA ALA A 208 -9.09 -15.40 -11.30
C ALA A 208 -10.10 -15.20 -10.15
N ARG A 209 -11.43 -15.32 -10.45
CA ARG A 209 -12.56 -15.28 -9.54
C ARG A 209 -13.36 -16.59 -9.65
N ASP A 210 -13.68 -17.20 -8.50
CA ASP A 210 -14.47 -18.42 -8.39
C ASP A 210 -15.95 -18.04 -8.50
N ILE A 211 -16.41 -17.78 -9.75
CA ILE A 211 -17.78 -17.34 -10.04
C ILE A 211 -18.84 -18.41 -9.69
N LYS A 212 -18.46 -19.68 -9.68
CA LYS A 212 -19.33 -20.81 -9.34
C LYS A 212 -19.77 -20.77 -7.86
N ASN A 213 -18.90 -20.24 -6.97
CA ASN A 213 -19.20 -20.20 -5.54
C ASN A 213 -19.54 -18.82 -5.05
N ASP A 214 -19.39 -17.81 -5.92
CA ASP A 214 -19.74 -16.43 -5.66
C ASP A 214 -21.24 -16.28 -5.92
N SER A 215 -21.99 -16.01 -4.85
CA SER A 215 -23.44 -15.82 -4.88
C SER A 215 -23.86 -14.57 -5.70
N ASN A 216 -22.90 -13.68 -6.04
CA ASN A 216 -23.13 -12.44 -6.82
C ASN A 216 -23.19 -12.67 -8.33
N TYR A 217 -22.99 -13.94 -8.76
CA TYR A 217 -23.03 -14.45 -10.13
C TYR A 217 -24.12 -15.50 -10.14
N VAL A 218 -25.10 -15.36 -11.04
CA VAL A 218 -26.30 -16.22 -11.15
C VAL A 218 -26.17 -17.12 -12.39
N ASP A 219 -26.82 -18.30 -12.38
CA ASP A 219 -26.81 -19.21 -13.53
C ASP A 219 -27.86 -18.64 -14.51
N LYS A 220 -27.42 -18.18 -15.70
CA LYS A 220 -28.30 -17.62 -16.74
C LYS A 220 -27.93 -18.29 -18.06
N GLY A 221 -28.66 -19.35 -18.39
CA GLY A 221 -28.38 -20.15 -19.57
C GLY A 221 -27.13 -20.98 -19.37
N ASN A 222 -26.20 -20.89 -20.34
CA ASN A 222 -24.93 -21.61 -20.26
C ASN A 222 -23.90 -20.88 -19.42
N ALA A 223 -24.21 -19.63 -19.06
CA ALA A 223 -23.30 -18.74 -18.33
C ALA A 223 -23.64 -18.53 -16.87
N ARG A 224 -22.65 -17.98 -16.15
CA ARG A 224 -22.73 -17.62 -14.74
C ARG A 224 -22.37 -16.12 -14.74
N LEU A 225 -23.43 -15.26 -14.76
CA LEU A 225 -23.32 -13.80 -14.94
C LEU A 225 -23.70 -12.94 -13.72
N PRO A 226 -23.11 -11.72 -13.57
CA PRO A 226 -23.49 -10.85 -12.45
C PRO A 226 -24.77 -10.03 -12.73
N VAL A 227 -25.92 -10.73 -12.77
CA VAL A 227 -27.25 -10.21 -13.09
C VAL A 227 -27.64 -8.90 -12.35
N LYS A 228 -27.39 -8.82 -11.03
CA LYS A 228 -27.71 -7.61 -10.23
C LYS A 228 -26.91 -6.37 -10.61
N TRP A 229 -25.83 -6.51 -11.42
CA TRP A 229 -25.04 -5.34 -11.88
C TRP A 229 -25.30 -5.03 -13.34
N MET A 230 -26.07 -5.87 -14.03
CA MET A 230 -26.32 -5.81 -15.47
C MET A 230 -27.51 -5.00 -15.90
N ALA A 231 -27.35 -4.25 -17.01
CA ALA A 231 -28.37 -3.43 -17.64
C ALA A 231 -29.43 -4.34 -18.24
N PRO A 232 -30.71 -3.92 -18.36
CA PRO A 232 -31.72 -4.81 -18.96
C PRO A 232 -31.37 -5.33 -20.35
N GLU A 233 -30.77 -4.48 -21.21
CA GLU A 233 -30.34 -4.83 -22.56
C GLU A 233 -29.26 -5.94 -22.58
N SER A 234 -28.41 -6.00 -21.50
CA SER A 234 -27.36 -7.03 -21.34
C SER A 234 -27.98 -8.36 -20.95
N ILE A 235 -29.00 -8.31 -20.05
CA ILE A 235 -29.71 -9.50 -19.56
C ILE A 235 -30.55 -10.13 -20.68
N PHE A 236 -31.45 -9.34 -21.27
CA PHE A 236 -32.41 -9.81 -22.25
C PHE A 236 -31.91 -9.87 -23.70
N ASN A 237 -30.86 -9.10 -24.08
CA ASN A 237 -30.39 -9.13 -25.46
C ASN A 237 -28.89 -9.39 -25.59
N SER A 238 -28.17 -9.56 -24.47
CA SER A 238 -26.71 -9.79 -24.39
C SER A 238 -25.88 -8.67 -25.08
N VAL A 239 -26.45 -7.45 -25.07
CA VAL A 239 -25.90 -6.21 -25.60
C VAL A 239 -25.06 -5.56 -24.48
N TYR A 240 -23.79 -5.30 -24.78
CA TYR A 240 -22.85 -4.64 -23.87
C TYR A 240 -22.32 -3.41 -24.60
N THR A 241 -22.71 -2.23 -24.12
CA THR A 241 -22.32 -0.95 -24.71
C THR A 241 -21.61 -0.10 -23.67
N PHE A 242 -21.37 1.16 -24.00
CA PHE A 242 -20.81 2.16 -23.08
C PHE A 242 -21.86 2.40 -22.01
N GLU A 243 -23.14 2.43 -22.42
CA GLU A 243 -24.33 2.71 -21.61
C GLU A 243 -24.68 1.60 -20.61
N SER A 244 -24.36 0.32 -20.95
CA SER A 244 -24.55 -0.85 -20.09
C SER A 244 -23.53 -0.79 -18.96
N ASP A 245 -22.31 -0.29 -19.21
CA ASP A 245 -21.24 -0.09 -18.23
C ASP A 245 -21.59 1.03 -17.23
N VAL A 246 -22.33 2.06 -17.70
CA VAL A 246 -22.84 3.17 -16.88
C VAL A 246 -23.89 2.62 -15.92
N TRP A 247 -24.80 1.71 -16.39
CA TRP A 247 -25.78 1.06 -15.51
C TRP A 247 -25.06 0.42 -14.33
N SER A 248 -24.03 -0.44 -14.62
CA SER A 248 -23.20 -1.15 -13.63
C SER A 248 -22.53 -0.19 -12.65
N TYR A 249 -22.10 0.99 -13.13
CA TYR A 249 -21.53 2.06 -12.30
C TYR A 249 -22.54 2.57 -11.26
N GLY A 250 -23.82 2.63 -11.64
CA GLY A 250 -24.88 3.02 -10.72
C GLY A 250 -25.04 2.00 -9.62
N ILE A 251 -24.83 0.70 -9.95
CA ILE A 251 -24.90 -0.40 -8.97
C ILE A 251 -23.68 -0.32 -8.05
N PHE A 252 -22.49 -0.04 -8.64
CA PHE A 252 -21.24 0.15 -7.90
C PHE A 252 -21.45 1.29 -6.86
N LEU A 253 -22.09 2.43 -7.24
CA LEU A 253 -22.37 3.57 -6.35
C LEU A 253 -23.21 3.16 -5.16
N TRP A 254 -24.27 2.38 -5.42
CA TRP A 254 -25.14 1.82 -4.40
C TRP A 254 -24.31 0.95 -3.41
N GLU A 255 -23.39 0.07 -3.93
CA GLU A 255 -22.50 -0.75 -3.11
C GLU A 255 -21.64 0.12 -2.21
N LEU A 256 -20.98 1.13 -2.82
CA LEU A 256 -20.08 2.10 -2.18
C LEU A 256 -20.70 2.83 -0.99
N PHE A 257 -21.92 3.40 -1.18
CA PHE A 257 -22.61 4.19 -0.14
C PHE A 257 -23.48 3.35 0.80
N SER A 258 -23.54 2.02 0.54
CA SER A 258 -24.16 1.03 1.41
C SER A 258 -23.05 0.39 2.25
N LEU A 259 -21.77 0.80 2.02
CA LEU A 259 -20.55 0.30 2.67
C LEU A 259 -20.31 -1.21 2.40
N GLY A 260 -20.54 -1.63 1.17
CA GLY A 260 -20.29 -3.00 0.73
C GLY A 260 -21.46 -3.97 0.79
N SER A 261 -22.69 -3.48 0.77
CA SER A 261 -23.84 -4.39 0.79
C SER A 261 -24.09 -4.93 -0.58
N SER A 262 -24.77 -6.07 -0.65
CA SER A 262 -25.14 -6.71 -1.90
C SER A 262 -26.34 -5.97 -2.49
N PRO A 263 -26.37 -5.67 -3.82
CA PRO A 263 -27.54 -4.98 -4.38
C PRO A 263 -28.84 -5.77 -4.28
N TYR A 264 -29.97 -5.09 -4.35
CA TYR A 264 -31.33 -5.62 -4.23
C TYR A 264 -31.37 -6.55 -3.00
N PRO A 265 -31.07 -6.00 -1.79
CA PRO A 265 -31.03 -6.87 -0.59
C PRO A 265 -32.32 -7.65 -0.33
N GLY A 266 -32.16 -8.95 -0.07
CA GLY A 266 -33.23 -9.89 0.22
C GLY A 266 -34.03 -10.38 -0.97
N MET A 267 -33.74 -9.85 -2.17
CA MET A 267 -34.41 -10.13 -3.44
C MET A 267 -33.61 -11.15 -4.22
N PRO A 268 -34.11 -12.40 -4.44
CA PRO A 268 -33.32 -13.36 -5.24
C PRO A 268 -33.47 -13.12 -6.74
N VAL A 269 -32.52 -13.66 -7.53
CA VAL A 269 -32.58 -13.53 -8.98
C VAL A 269 -33.47 -14.66 -9.52
N ASP A 270 -34.75 -14.34 -9.68
CA ASP A 270 -35.75 -15.29 -10.17
C ASP A 270 -36.58 -14.67 -11.30
N SER A 271 -37.71 -15.31 -11.67
CA SER A 271 -38.61 -14.81 -12.71
C SER A 271 -39.18 -13.44 -12.29
N LYS A 272 -39.54 -13.30 -10.99
CA LYS A 272 -40.09 -12.10 -10.36
C LYS A 272 -39.08 -10.95 -10.41
N PHE A 273 -37.76 -11.24 -10.23
CA PHE A 273 -36.70 -10.20 -10.31
C PHE A 273 -36.60 -9.59 -11.69
N TYR A 274 -36.57 -10.41 -12.75
CA TYR A 274 -36.46 -9.91 -14.13
C TYR A 274 -37.68 -9.11 -14.51
N LYS A 275 -38.87 -9.56 -14.10
CA LYS A 275 -40.16 -8.89 -14.32
C LYS A 275 -40.13 -7.45 -13.72
N MET A 276 -39.71 -7.31 -12.45
CA MET A 276 -39.64 -6.03 -11.73
C MET A 276 -38.67 -5.02 -12.36
N ILE A 277 -37.52 -5.48 -12.86
CA ILE A 277 -36.50 -4.65 -13.53
C ILE A 277 -37.05 -4.10 -14.86
N LYS A 278 -37.74 -4.96 -15.64
CA LYS A 278 -38.41 -4.61 -16.91
C LYS A 278 -39.57 -3.65 -16.64
N GLU A 279 -40.17 -3.72 -15.42
CA GLU A 279 -41.31 -2.88 -15.02
C GLU A 279 -40.90 -1.55 -14.37
N GLY A 280 -39.61 -1.24 -14.41
CA GLY A 280 -39.06 -0.01 -13.86
C GLY A 280 -38.73 0.04 -12.37
N PHE A 281 -38.78 -1.09 -11.63
CA PHE A 281 -38.41 -1.11 -10.20
C PHE A 281 -36.88 -0.89 -10.09
N ARG A 282 -36.47 0.01 -9.18
CA ARG A 282 -35.08 0.38 -8.93
C ARG A 282 -34.92 0.50 -7.44
N MET A 283 -33.74 0.15 -6.92
CA MET A 283 -33.39 0.27 -5.50
C MET A 283 -33.54 1.71 -4.98
N SER A 284 -33.86 1.82 -3.66
CA SER A 284 -33.92 3.09 -2.96
C SER A 284 -32.48 3.46 -2.62
N SER A 285 -32.22 4.66 -2.12
CA SER A 285 -30.83 5.07 -1.86
C SER A 285 -30.14 4.23 -0.78
N PRO A 286 -28.82 3.92 -0.91
CA PRO A 286 -28.13 3.29 0.22
C PRO A 286 -28.09 4.31 1.37
N GLU A 287 -27.92 3.82 2.60
CA GLU A 287 -27.94 4.60 3.85
C GLU A 287 -27.02 5.81 3.93
N TYR A 288 -25.89 5.82 3.22
CA TYR A 288 -24.93 6.94 3.34
C TYR A 288 -24.77 7.74 2.07
N ALA A 289 -25.61 7.52 1.06
CA ALA A 289 -25.51 8.23 -0.19
C ALA A 289 -26.04 9.66 -0.13
N PRO A 290 -25.20 10.67 -0.43
CA PRO A 290 -25.73 12.04 -0.58
C PRO A 290 -26.83 12.04 -1.66
N ALA A 291 -27.84 12.85 -1.50
CA ALA A 291 -28.98 12.92 -2.43
C ALA A 291 -28.54 13.14 -3.90
N GLU A 292 -27.44 13.88 -4.11
CA GLU A 292 -26.86 14.21 -5.39
C GLU A 292 -26.21 12.97 -6.05
N MET A 293 -25.70 11.99 -5.26
CA MET A 293 -25.14 10.71 -5.75
C MET A 293 -26.27 9.77 -6.14
N TYR A 294 -27.37 9.77 -5.36
CA TYR A 294 -28.52 8.92 -5.69
C TYR A 294 -29.14 9.37 -7.01
N ASP A 295 -29.08 10.69 -7.31
CA ASP A 295 -29.53 11.28 -8.58
C ASP A 295 -28.73 10.68 -9.73
N ILE A 296 -27.40 10.53 -9.53
CA ILE A 296 -26.53 9.90 -10.53
C ILE A 296 -27.00 8.46 -10.75
N MET A 297 -27.19 7.68 -9.64
CA MET A 297 -27.65 6.29 -9.67
C MET A 297 -28.94 6.13 -10.48
N LYS A 298 -29.96 6.94 -10.19
CA LYS A 298 -31.26 6.94 -10.86
C LYS A 298 -31.11 7.12 -12.37
N THR A 299 -30.21 8.03 -12.83
CA THR A 299 -29.99 8.27 -14.27
C THR A 299 -29.23 7.11 -14.93
N CYS A 300 -28.26 6.46 -14.21
CA CYS A 300 -27.48 5.31 -14.68
C CYS A 300 -28.43 4.13 -14.93
N TRP A 301 -29.50 4.05 -14.13
CA TRP A 301 -30.50 3.01 -14.19
C TRP A 301 -31.70 3.39 -15.05
N ASP A 302 -31.56 4.37 -15.96
CA ASP A 302 -32.66 4.69 -16.88
C ASP A 302 -32.83 3.51 -17.84
N ALA A 303 -34.09 3.09 -18.07
CA ALA A 303 -34.36 1.97 -18.97
C ALA A 303 -33.87 2.28 -20.40
N ASP A 304 -33.89 3.57 -20.79
CA ASP A 304 -33.39 4.01 -22.09
C ASP A 304 -31.88 4.30 -21.97
N PRO A 305 -31.00 3.51 -22.65
CA PRO A 305 -29.55 3.76 -22.57
C PRO A 305 -29.15 5.16 -23.01
N ASP A 306 -29.95 5.75 -23.93
CA ASP A 306 -29.76 7.08 -24.48
C ASP A 306 -30.05 8.22 -23.49
N LYS A 307 -30.75 7.91 -22.39
CA LYS A 307 -31.08 8.86 -21.35
C LYS A 307 -30.10 8.73 -20.14
N ARG A 308 -29.19 7.75 -20.18
CA ARG A 308 -28.18 7.53 -19.15
C ARG A 308 -27.04 8.53 -19.33
N PRO A 309 -26.38 9.02 -18.25
CA PRO A 309 -25.27 9.95 -18.44
C PRO A 309 -24.04 9.22 -19.01
N THR A 310 -23.08 9.98 -19.53
CA THR A 310 -21.83 9.36 -19.98
C THR A 310 -20.93 9.34 -18.72
N PHE A 311 -19.83 8.56 -18.72
CA PHE A 311 -18.89 8.60 -17.59
C PHE A 311 -18.24 9.99 -17.45
N LYS A 312 -18.12 10.73 -18.58
CA LYS A 312 -17.53 12.06 -18.62
C LYS A 312 -18.44 13.07 -17.90
N GLN A 313 -19.78 12.98 -18.14
CA GLN A 313 -20.79 13.81 -17.50
C GLN A 313 -20.81 13.57 -16.00
N ILE A 314 -20.67 12.27 -15.59
CA ILE A 314 -20.58 11.80 -14.19
C ILE A 314 -19.33 12.44 -13.52
N VAL A 315 -18.12 12.37 -14.16
CA VAL A 315 -16.90 12.98 -13.63
C VAL A 315 -17.15 14.46 -13.30
N GLN A 316 -17.73 15.20 -14.28
CA GLN A 316 -18.08 16.61 -14.18
C GLN A 316 -19.08 16.89 -13.06
N ASP A 317 -20.12 16.06 -12.96
CA ASP A 317 -21.15 16.13 -11.91
C ASP A 317 -20.53 15.97 -10.50
N ILE A 318 -19.74 14.90 -10.25
CA ILE A 318 -19.05 14.64 -8.98
C ILE A 318 -18.03 15.76 -8.65
N GLU A 319 -17.31 16.28 -9.67
CA GLU A 319 -16.35 17.37 -9.51
C GLU A 319 -17.03 18.58 -8.82
N LYS A 320 -18.24 18.97 -9.30
CA LYS A 320 -19.11 20.02 -8.81
C LYS A 320 -19.40 19.78 -7.33
N GLN A 321 -19.89 18.57 -6.99
CA GLN A 321 -20.24 18.11 -5.65
C GLN A 321 -19.08 18.17 -4.69
N ILE A 322 -17.86 17.76 -5.16
CA ILE A 322 -16.61 17.76 -4.38
C ILE A 322 -16.19 19.21 -4.08
N SER A 323 -16.26 20.11 -5.08
CA SER A 323 -15.88 21.50 -4.91
C SER A 323 -16.77 22.24 -3.87
N GLU A 324 -18.07 21.89 -3.83
CA GLU A 324 -19.05 22.45 -2.88
C GLU A 324 -18.80 22.04 -1.43
N SER A 325 -18.13 20.87 -1.19
CA SER A 325 -17.76 20.37 0.14
C SER A 325 -16.74 21.28 0.85
N PRO B 31 31.13 11.01 -1.37
CA PRO B 31 31.10 10.77 -2.82
C PRO B 31 29.69 10.46 -3.37
N TYR B 32 29.35 10.93 -4.60
CA TYR B 32 28.02 10.70 -5.19
C TYR B 32 28.11 10.14 -6.59
N ASP B 33 27.63 8.90 -6.75
CA ASP B 33 27.62 8.21 -8.04
C ASP B 33 26.49 8.77 -8.88
N HIS B 34 26.84 9.39 -10.02
CA HIS B 34 25.85 10.00 -10.91
C HIS B 34 24.95 8.95 -11.62
N LYS B 35 25.12 7.62 -11.28
CA LYS B 35 24.28 6.52 -11.78
C LYS B 35 22.90 6.65 -11.15
N TRP B 36 22.82 7.38 -10.03
CA TRP B 36 21.61 7.66 -9.25
C TRP B 36 20.75 8.78 -9.83
N GLU B 37 21.36 9.71 -10.57
CA GLU B 37 20.68 10.86 -11.17
C GLU B 37 19.43 10.46 -12.00
N PHE B 38 18.29 11.08 -11.66
CA PHE B 38 16.98 10.84 -12.25
C PHE B 38 16.39 12.18 -12.76
N PRO B 39 15.68 12.21 -13.93
CA PRO B 39 15.11 13.49 -14.40
C PRO B 39 13.92 13.89 -13.53
N ARG B 40 13.96 15.09 -12.89
CA ARG B 40 12.90 15.55 -11.98
C ARG B 40 11.58 15.83 -12.70
N ASN B 41 11.62 15.98 -14.03
CA ASN B 41 10.44 16.18 -14.87
C ASN B 41 9.60 14.90 -14.94
N ARG B 42 10.21 13.74 -14.62
CA ARG B 42 9.61 12.41 -14.62
C ARG B 42 8.92 12.05 -13.27
N LEU B 43 9.11 12.91 -12.23
CA LEU B 43 8.48 12.78 -10.92
C LEU B 43 7.22 13.64 -10.90
N SER B 44 6.10 13.01 -10.54
CA SER B 44 4.80 13.65 -10.39
C SER B 44 4.46 13.43 -8.91
N PHE B 45 4.59 14.49 -8.09
CA PHE B 45 4.31 14.42 -6.66
C PHE B 45 2.83 14.28 -6.35
N GLY B 46 2.57 13.82 -5.14
CA GLY B 46 1.26 13.61 -4.55
C GLY B 46 1.20 14.11 -3.12
N LYS B 47 0.50 13.36 -2.25
CA LYS B 47 0.30 13.71 -0.84
C LYS B 47 1.60 13.71 0.00
N THR B 48 1.59 14.48 1.10
CA THR B 48 2.72 14.58 2.02
C THR B 48 2.60 13.42 3.03
N LEU B 49 3.65 12.61 3.14
CA LEU B 49 3.70 11.46 4.01
C LEU B 49 4.15 11.88 5.43
N GLY B 50 4.96 12.92 5.49
CA GLY B 50 5.50 13.48 6.72
C GLY B 50 6.18 14.78 6.42
N ALA B 51 6.14 15.73 7.37
CA ALA B 51 6.76 17.06 7.22
C ALA B 51 7.20 17.63 8.56
N GLY B 52 8.35 18.30 8.53
CA GLY B 52 8.96 18.97 9.67
C GLY B 52 9.18 20.44 9.35
N ALA B 53 9.97 21.13 10.17
CA ALA B 53 10.23 22.57 9.94
C ALA B 53 10.95 22.85 8.62
N PHE B 54 11.96 22.02 8.30
CA PHE B 54 12.85 22.22 7.15
C PHE B 54 12.76 21.22 6.03
N GLY B 55 12.02 20.13 6.21
CA GLY B 55 11.88 19.12 5.19
C GLY B 55 10.57 18.37 5.16
N LYS B 56 10.38 17.55 4.13
CA LYS B 56 9.20 16.71 3.94
C LYS B 56 9.46 15.43 3.14
N VAL B 57 8.59 14.42 3.33
CA VAL B 57 8.56 13.17 2.59
C VAL B 57 7.22 13.23 1.84
N VAL B 58 7.28 13.18 0.52
CA VAL B 58 6.10 13.29 -0.35
C VAL B 58 6.01 11.98 -1.20
N GLU B 59 4.76 11.54 -1.45
CA GLU B 59 4.45 10.39 -2.29
C GLU B 59 4.59 10.90 -3.71
N ALA B 60 5.20 10.13 -4.61
CA ALA B 60 5.40 10.58 -5.98
C ALA B 60 5.26 9.43 -6.94
N THR B 61 5.18 9.74 -8.23
CA THR B 61 5.06 8.77 -9.30
C THR B 61 6.26 8.95 -10.20
N ALA B 62 7.13 7.94 -10.26
CA ALA B 62 8.34 7.96 -11.05
C ALA B 62 8.13 7.23 -12.39
N GLN B 63 8.18 8.00 -13.49
CA GLN B 63 8.05 7.49 -14.86
C GLN B 63 9.44 7.13 -15.38
N GLY B 64 9.52 5.99 -16.07
CA GLY B 64 10.76 5.47 -16.64
C GLY B 64 11.76 4.82 -15.69
N LEU B 65 11.30 4.28 -14.54
CA LEU B 65 12.14 3.59 -13.53
C LEU B 65 12.25 2.08 -13.80
N ILE B 66 11.25 1.53 -14.50
CA ILE B 66 11.13 0.13 -14.94
C ILE B 66 11.35 0.13 -16.45
N LYS B 67 12.08 -0.89 -16.94
CA LYS B 67 12.45 -1.14 -18.33
C LYS B 67 11.32 -0.96 -19.36
N SER B 68 10.06 -1.34 -18.96
CA SER B 68 8.84 -1.28 -19.78
C SER B 68 8.24 0.13 -19.93
N ASP B 69 8.79 1.11 -19.15
CA ASP B 69 8.43 2.53 -19.06
C ASP B 69 7.08 2.72 -18.36
N ALA B 70 6.82 1.83 -17.40
CA ALA B 70 5.64 1.86 -16.55
C ALA B 70 6.00 2.72 -15.34
N ALA B 71 5.03 3.51 -14.88
CA ALA B 71 5.18 4.42 -13.76
C ALA B 71 5.20 3.64 -12.46
N MET B 72 5.84 4.19 -11.41
CA MET B 72 5.88 3.51 -10.13
C MET B 72 5.98 4.48 -8.97
N THR B 73 5.24 4.16 -7.89
CA THR B 73 5.13 4.92 -6.68
C THR B 73 6.44 4.89 -5.92
N VAL B 74 6.94 6.08 -5.57
CA VAL B 74 8.18 6.30 -4.84
C VAL B 74 7.92 7.27 -3.69
N ALA B 75 8.86 7.40 -2.76
CA ALA B 75 8.79 8.36 -1.65
C ALA B 75 9.96 9.33 -1.89
N VAL B 76 9.67 10.64 -1.94
CA VAL B 76 10.69 11.66 -2.19
C VAL B 76 10.92 12.52 -0.94
N LYS B 77 12.16 12.52 -0.42
CA LYS B 77 12.54 13.38 0.71
C LYS B 77 13.19 14.60 0.10
N MET B 78 12.77 15.78 0.59
CA MET B 78 13.22 17.06 0.10
C MET B 78 13.08 18.12 1.15
N LEU B 79 13.75 19.24 0.95
CA LEU B 79 13.70 20.36 1.87
C LEU B 79 12.66 21.40 1.48
N LYS B 80 12.16 22.10 2.51
CA LYS B 80 11.20 23.20 2.43
C LYS B 80 11.99 24.52 2.22
N PRO B 81 11.38 25.57 1.59
CA PRO B 81 12.12 26.85 1.38
C PRO B 81 12.65 27.53 2.65
N SER B 82 12.21 27.07 3.83
CA SER B 82 12.59 27.53 5.17
C SER B 82 13.97 26.99 5.61
N ALA B 83 14.47 25.96 4.90
CA ALA B 83 15.75 25.32 5.20
C ALA B 83 16.93 26.18 4.79
N HIS B 84 17.93 26.27 5.67
CA HIS B 84 19.18 27.02 5.44
C HIS B 84 20.18 26.17 4.63
N SER B 85 21.50 26.41 4.82
CA SER B 85 22.59 25.67 4.17
C SER B 85 22.97 24.41 4.97
N THR B 86 22.74 24.43 6.30
CA THR B 86 23.00 23.30 7.21
C THR B 86 22.17 22.09 6.77
N GLU B 87 20.86 22.31 6.54
CA GLU B 87 19.86 21.35 6.12
C GLU B 87 20.18 20.83 4.73
N ARG B 88 20.66 21.72 3.83
CA ARG B 88 21.03 21.40 2.45
C ARG B 88 22.24 20.47 2.41
N GLU B 89 23.18 20.68 3.34
CA GLU B 89 24.38 19.86 3.48
C GLU B 89 24.00 18.51 4.09
N ALA B 90 23.11 18.51 5.12
CA ALA B 90 22.57 17.35 5.83
C ALA B 90 21.87 16.40 4.86
N LEU B 91 21.04 16.94 3.94
CA LEU B 91 20.33 16.14 2.94
C LEU B 91 21.31 15.51 1.93
N MET B 92 22.39 16.23 1.55
CA MET B 92 23.40 15.68 0.64
C MET B 92 24.23 14.56 1.30
N SER B 93 24.59 14.74 2.60
CA SER B 93 25.33 13.74 3.36
C SER B 93 24.52 12.45 3.51
N GLU B 94 23.18 12.58 3.69
CA GLU B 94 22.23 11.47 3.82
C GLU B 94 22.11 10.74 2.48
N LEU B 95 22.16 11.48 1.35
CA LEU B 95 22.10 10.93 0.01
C LEU B 95 23.39 10.11 -0.25
N LYS B 96 24.55 10.68 0.12
CA LYS B 96 25.85 10.02 -0.01
C LYS B 96 25.96 8.74 0.85
N VAL B 97 25.31 8.73 2.04
CA VAL B 97 25.30 7.57 2.95
C VAL B 97 24.36 6.48 2.39
N LEU B 98 23.14 6.88 1.95
CA LEU B 98 22.15 6.00 1.35
C LEU B 98 22.70 5.33 0.08
N SER B 99 23.46 6.10 -0.72
CA SER B 99 24.12 5.66 -1.95
C SER B 99 25.22 4.64 -1.62
N TYR B 100 26.00 4.91 -0.56
CA TYR B 100 27.12 4.10 -0.08
C TYR B 100 26.70 2.73 0.48
N LEU B 101 25.64 2.72 1.30
CA LEU B 101 25.05 1.55 1.95
C LEU B 101 24.63 0.45 0.97
N GLY B 102 24.04 0.84 -0.15
CA GLY B 102 23.57 -0.12 -1.13
C GLY B 102 22.27 -0.79 -0.71
N ASN B 103 21.86 -1.77 -1.51
CA ASN B 103 20.60 -2.48 -1.29
C ASN B 103 20.71 -3.57 -0.25
N HIS B 104 19.87 -3.45 0.78
CA HIS B 104 19.62 -4.40 1.86
C HIS B 104 18.12 -4.48 2.05
N GLU B 105 17.60 -5.68 2.34
CA GLU B 105 16.17 -5.95 2.48
C GLU B 105 15.49 -5.22 3.67
N ASN B 106 16.24 -4.92 4.75
CA ASN B 106 15.65 -4.31 5.95
C ASN B 106 16.00 -2.84 6.15
N ILE B 107 16.35 -2.19 5.05
CA ILE B 107 16.66 -0.77 4.98
C ILE B 107 15.77 -0.23 3.84
N VAL B 108 15.36 1.07 3.88
CA VAL B 108 14.65 1.67 2.71
C VAL B 108 15.71 1.82 1.60
N ASN B 109 15.39 1.31 0.44
CA ASN B 109 16.33 1.37 -0.67
C ASN B 109 16.11 2.62 -1.49
N LEU B 110 17.25 3.22 -1.85
CA LEU B 110 17.41 4.39 -2.70
C LEU B 110 17.20 3.92 -4.12
N LEU B 111 16.40 4.66 -4.87
CA LEU B 111 16.10 4.35 -6.27
C LEU B 111 16.77 5.35 -7.19
N GLY B 112 16.91 6.58 -6.70
CA GLY B 112 17.51 7.68 -7.45
C GLY B 112 17.53 8.97 -6.69
N ALA B 113 18.02 10.02 -7.35
CA ALA B 113 18.11 11.36 -6.80
C ALA B 113 18.18 12.41 -7.91
N CYS B 114 17.81 13.65 -7.57
CA CYS B 114 17.87 14.80 -8.45
C CYS B 114 18.76 15.81 -7.69
N THR B 115 19.98 16.06 -8.18
CA THR B 115 20.88 16.98 -7.48
C THR B 115 20.91 18.36 -8.16
N HIS B 116 20.94 18.38 -9.49
CA HIS B 116 20.94 19.61 -10.29
C HIS B 116 19.55 19.91 -10.87
N GLY B 117 19.43 21.02 -11.59
CA GLY B 117 18.16 21.50 -12.14
C GLY B 117 17.29 22.10 -11.05
N GLY B 118 17.80 22.10 -9.82
CA GLY B 118 17.12 22.63 -8.64
C GLY B 118 17.49 21.96 -7.33
N PRO B 119 16.54 21.96 -6.35
CA PRO B 119 16.84 21.38 -5.02
C PRO B 119 16.97 19.86 -5.00
N THR B 120 17.73 19.33 -4.02
CA THR B 120 17.99 17.90 -3.83
C THR B 120 16.71 17.13 -3.50
N LEU B 121 16.49 16.05 -4.26
CA LEU B 121 15.38 15.15 -4.08
C LEU B 121 16.01 13.78 -3.89
N VAL B 122 15.76 13.14 -2.74
CA VAL B 122 16.24 11.80 -2.40
C VAL B 122 15.03 10.84 -2.65
N ILE B 123 15.11 10.00 -3.72
CA ILE B 123 14.03 9.07 -4.11
C ILE B 123 14.26 7.64 -3.58
N THR B 124 13.33 7.16 -2.74
CA THR B 124 13.40 5.79 -2.21
C THR B 124 12.13 5.04 -2.61
N GLU B 125 12.10 3.72 -2.31
CA GLU B 125 10.93 2.85 -2.49
C GLU B 125 9.79 3.35 -1.56
N TYR B 126 8.55 3.00 -1.90
CA TYR B 126 7.38 3.36 -1.11
C TYR B 126 7.01 2.12 -0.30
N CYS B 127 6.92 2.28 1.04
CA CYS B 127 6.55 1.24 2.01
C CYS B 127 5.09 1.54 2.38
N CYS B 128 4.18 0.87 1.69
CA CYS B 128 2.76 1.15 1.70
C CYS B 128 2.05 1.06 3.02
N TYR B 129 2.58 0.37 4.05
CA TYR B 129 1.84 0.34 5.33
C TYR B 129 2.32 1.41 6.32
N GLY B 130 3.25 2.25 5.91
CA GLY B 130 3.76 3.35 6.73
C GLY B 130 4.65 2.92 7.87
N ASP B 131 4.86 3.84 8.83
CA ASP B 131 5.71 3.59 10.02
C ASP B 131 5.09 2.56 10.94
N LEU B 132 5.96 1.72 11.51
CA LEU B 132 5.60 0.60 12.39
C LEU B 132 4.86 1.05 13.64
N LEU B 133 5.24 2.18 14.23
CA LEU B 133 4.54 2.69 15.40
C LEU B 133 3.02 2.80 15.19
N ASN B 134 2.58 3.52 14.14
CA ASN B 134 1.16 3.71 13.87
C ASN B 134 0.48 2.44 13.47
N PHE B 135 1.21 1.55 12.78
CA PHE B 135 0.71 0.23 12.41
C PHE B 135 0.39 -0.55 13.69
N LEU B 136 1.37 -0.64 14.61
CA LEU B 136 1.22 -1.35 15.88
C LEU B 136 0.02 -0.84 16.70
N ARG B 137 -0.18 0.49 16.75
CA ARG B 137 -1.28 1.12 17.49
C ARG B 137 -2.65 0.80 16.84
N ARG B 138 -2.66 0.70 15.52
CA ARG B 138 -3.82 0.38 14.70
C ARG B 138 -4.22 -1.10 14.87
N LYS B 139 -3.25 -2.02 14.93
CA LYS B 139 -3.47 -3.46 15.09
C LYS B 139 -3.55 -3.95 16.55
N ARG B 140 -3.40 -3.02 17.53
CA ARG B 140 -3.44 -3.22 18.99
C ARG B 140 -4.64 -4.06 19.43
N ASP B 141 -5.84 -3.67 18.98
CA ASP B 141 -7.09 -4.30 19.37
C ASP B 141 -7.41 -5.56 18.51
N GLU B 142 -6.60 -5.82 17.48
CA GLU B 142 -6.69 -6.99 16.61
C GLU B 142 -5.39 -7.82 16.70
N PHE B 143 -5.01 -8.16 17.95
CA PHE B 143 -3.79 -8.90 18.27
C PHE B 143 -4.09 -10.15 19.08
N VAL B 144 -3.46 -11.28 18.70
CA VAL B 144 -3.61 -12.58 19.35
C VAL B 144 -2.20 -13.12 19.53
N PRO B 145 -1.75 -13.51 20.76
CA PRO B 145 -0.38 -14.08 20.90
C PRO B 145 -0.13 -15.31 20.00
N TYR B 146 -1.09 -16.27 19.97
CA TYR B 146 -1.00 -17.47 19.13
C TYR B 146 -2.30 -17.78 18.41
N LYS B 147 -2.23 -18.11 17.10
CA LYS B 147 -3.38 -18.40 16.26
C LYS B 147 -3.88 -19.84 16.46
N LYS B 155 -7.81 -13.90 8.40
CA LYS B 155 -8.37 -13.02 9.42
C LYS B 155 -7.47 -11.78 9.76
N ASP B 156 -6.37 -11.55 8.98
CA ASP B 156 -5.37 -10.45 9.06
C ASP B 156 -4.93 -10.06 10.51
N PHE B 157 -5.10 -10.98 11.51
CA PHE B 157 -4.72 -10.76 12.91
C PHE B 157 -3.21 -10.72 13.09
N LEU B 158 -2.71 -9.74 13.88
CA LEU B 158 -1.29 -9.61 14.22
C LEU B 158 -1.02 -10.65 15.34
N THR B 159 0.13 -11.38 15.25
CA THR B 159 0.50 -12.41 16.23
C THR B 159 1.92 -12.19 16.77
N LEU B 160 2.38 -13.04 17.73
CA LEU B 160 3.76 -12.98 18.27
C LEU B 160 4.78 -13.36 17.21
N GLU B 161 4.38 -14.21 16.24
CA GLU B 161 5.20 -14.65 15.12
C GLU B 161 5.64 -13.45 14.30
N HIS B 162 4.71 -12.47 14.09
CA HIS B 162 4.95 -11.21 13.34
C HIS B 162 5.90 -10.33 14.10
N LEU B 163 5.65 -10.16 15.42
CA LEU B 163 6.49 -9.34 16.30
C LEU B 163 7.92 -9.87 16.37
N LEU B 164 8.08 -11.21 16.50
CA LEU B 164 9.38 -11.90 16.50
C LEU B 164 10.11 -11.70 15.18
N SER B 165 9.36 -11.68 14.05
CA SER B 165 9.90 -11.48 12.72
C SER B 165 10.33 -10.03 12.55
N PHE B 166 9.57 -9.07 13.12
CA PHE B 166 9.90 -7.64 13.03
C PHE B 166 11.14 -7.34 13.86
N SER B 167 11.27 -7.93 15.06
CA SER B 167 12.44 -7.74 15.92
C SER B 167 13.72 -8.27 15.26
N TYR B 168 13.63 -9.42 14.57
CA TYR B 168 14.71 -10.08 13.82
C TYR B 168 15.18 -9.24 12.62
N GLN B 169 14.20 -8.75 11.83
CA GLN B 169 14.42 -7.90 10.65
C GLN B 169 15.08 -6.60 10.99
N VAL B 170 14.68 -5.94 12.07
CA VAL B 170 15.27 -4.68 12.50
C VAL B 170 16.71 -4.91 13.00
N ALA B 171 16.96 -6.04 13.70
CA ALA B 171 18.28 -6.45 14.16
C ALA B 171 19.17 -6.72 12.97
N LYS B 172 18.63 -7.41 11.92
CA LYS B 172 19.35 -7.72 10.67
C LYS B 172 19.77 -6.45 9.95
N GLY B 173 18.83 -5.52 9.81
CA GLY B 173 19.06 -4.22 9.17
C GLY B 173 20.07 -3.40 9.91
N MET B 174 19.99 -3.38 11.26
CA MET B 174 20.92 -2.65 12.13
C MET B 174 22.32 -3.27 12.11
N ALA B 175 22.41 -4.62 12.05
CA ALA B 175 23.66 -5.37 11.92
C ALA B 175 24.34 -4.99 10.61
N PHE B 176 23.55 -4.75 9.56
CA PHE B 176 24.03 -4.32 8.26
C PHE B 176 24.63 -2.91 8.36
N LEU B 177 23.89 -1.93 8.93
CA LEU B 177 24.38 -0.57 9.11
C LEU B 177 25.66 -0.53 9.93
N ALA B 178 25.76 -1.33 11.01
CA ALA B 178 26.93 -1.35 11.86
C ALA B 178 28.14 -1.89 11.13
N SER B 179 27.96 -2.89 10.22
CA SER B 179 29.04 -3.45 9.40
C SER B 179 29.55 -2.44 8.36
N LYS B 180 28.67 -1.50 7.93
CA LYS B 180 28.95 -0.40 7.00
C LYS B 180 29.40 0.86 7.77
N ASN B 181 29.67 0.71 9.08
CA ASN B 181 30.15 1.75 10.01
C ASN B 181 29.20 2.96 10.13
N CYS B 182 27.89 2.71 10.02
CA CYS B 182 26.81 3.68 10.17
C CYS B 182 26.12 3.56 11.51
N ILE B 183 25.92 4.72 12.14
CA ILE B 183 25.24 4.94 13.41
C ILE B 183 23.94 5.66 13.06
N HIS B 184 22.77 5.03 13.40
CA HIS B 184 21.43 5.59 13.12
C HIS B 184 21.10 6.85 13.94
N ARG B 185 21.32 6.80 15.27
CA ARG B 185 21.11 7.88 16.27
C ARG B 185 19.65 8.09 16.67
N ASP B 186 18.67 7.52 15.92
CA ASP B 186 17.22 7.69 16.19
C ASP B 186 16.41 6.42 15.90
N LEU B 187 16.93 5.27 16.34
CA LEU B 187 16.28 3.99 16.18
C LEU B 187 15.05 3.92 17.15
N ALA B 188 13.86 3.82 16.53
CA ALA B 188 12.53 3.81 17.14
C ALA B 188 11.54 3.21 16.15
N ALA B 189 10.35 2.77 16.63
CA ALA B 189 9.29 2.20 15.80
C ALA B 189 8.80 3.20 14.74
N ARG B 190 8.89 4.51 15.05
CA ARG B 190 8.49 5.62 14.18
C ARG B 190 9.39 5.77 12.94
N ASN B 191 10.64 5.25 13.02
CA ASN B 191 11.67 5.27 11.99
C ASN B 191 11.88 3.88 11.39
N ILE B 192 10.87 3.02 11.49
CA ILE B 192 10.85 1.69 10.92
C ILE B 192 9.57 1.73 10.08
N LEU B 193 9.66 1.25 8.83
CA LEU B 193 8.54 1.20 7.89
C LEU B 193 8.11 -0.25 7.61
N LEU B 194 6.79 -0.44 7.36
CA LEU B 194 6.25 -1.76 7.04
C LEU B 194 5.80 -1.81 5.58
N THR B 195 6.29 -2.83 4.82
CA THR B 195 5.94 -3.04 3.42
C THR B 195 5.33 -4.48 3.21
N HIS B 196 5.26 -4.97 1.95
CA HIS B 196 4.69 -6.30 1.61
C HIS B 196 5.41 -7.47 2.26
N GLY B 197 4.71 -8.60 2.37
CA GLY B 197 5.23 -9.83 2.96
C GLY B 197 5.78 -9.65 4.37
N ASN B 198 5.22 -8.71 5.15
CA ASN B 198 5.58 -8.36 6.52
C ASN B 198 7.06 -7.99 6.65
N ILE B 199 7.59 -7.28 5.65
CA ILE B 199 8.97 -6.80 5.65
C ILE B 199 9.04 -5.43 6.31
N THR B 200 9.91 -5.31 7.35
CA THR B 200 10.18 -4.04 8.03
C THR B 200 11.46 -3.45 7.45
N LYS B 201 11.49 -2.12 7.25
CA LYS B 201 12.62 -1.37 6.67
C LYS B 201 12.98 -0.17 7.52
N ILE B 202 14.27 -0.08 7.91
CA ILE B 202 14.78 1.03 8.71
C ILE B 202 14.81 2.29 7.85
N CYS B 203 14.25 3.39 8.36
CA CYS B 203 14.33 4.67 7.65
C CYS B 203 14.81 5.76 8.58
N ASP B 204 14.72 7.01 8.17
CA ASP B 204 15.09 8.15 8.99
C ASP B 204 14.38 9.36 8.43
N PHE B 205 13.22 9.70 9.02
CA PHE B 205 12.43 10.87 8.62
C PHE B 205 13.27 12.13 8.82
N GLY B 206 14.03 12.17 9.93
CA GLY B 206 14.91 13.27 10.25
C GLY B 206 14.21 14.61 10.20
N LEU B 207 14.63 15.47 9.24
CA LEU B 207 14.07 16.80 8.98
C LEU B 207 12.63 16.77 8.48
N ALA B 208 12.15 15.58 8.02
CA ALA B 208 10.79 15.36 7.56
C ALA B 208 9.81 14.96 8.71
N ARG B 209 10.24 15.19 9.99
CA ARG B 209 9.48 14.99 11.24
C ARG B 209 9.41 16.32 11.99
N ASP B 210 8.20 16.70 12.43
CA ASP B 210 7.94 17.89 13.22
C ASP B 210 8.26 17.54 14.70
N ILE B 211 9.57 17.55 15.06
CA ILE B 211 10.08 17.18 16.38
C ILE B 211 9.62 18.16 17.47
N LYS B 212 9.31 19.41 17.10
CA LYS B 212 8.84 20.45 18.01
C LYS B 212 7.44 20.13 18.57
N ASN B 213 6.62 19.40 17.79
CA ASN B 213 5.26 19.07 18.21
C ASN B 213 5.08 17.61 18.60
N ASP B 214 6.13 16.81 18.40
CA ASP B 214 6.19 15.40 18.75
C ASP B 214 6.59 15.32 20.21
N SER B 215 5.69 14.81 21.06
CA SER B 215 5.90 14.64 22.49
C SER B 215 6.98 13.59 22.84
N ASN B 216 7.42 12.79 21.84
CA ASN B 216 8.47 11.77 22.00
C ASN B 216 9.91 12.34 21.91
N TYR B 217 10.03 13.66 21.69
CA TYR B 217 11.24 14.46 21.60
C TYR B 217 11.10 15.51 22.71
N VAL B 218 12.10 15.60 23.59
CA VAL B 218 12.13 16.48 24.77
C VAL B 218 13.12 17.63 24.53
N ASP B 219 12.90 18.80 25.17
CA ASP B 219 13.80 19.95 25.08
C ASP B 219 14.97 19.65 26.04
N LYS B 220 16.17 19.46 25.50
CA LYS B 220 17.40 19.18 26.27
C LYS B 220 18.49 20.15 25.79
N GLY B 221 18.62 21.27 26.49
CA GLY B 221 19.54 22.33 26.13
C GLY B 221 19.11 23.03 24.85
N ASN B 222 20.02 23.13 23.87
CA ASN B 222 19.72 23.78 22.58
C ASN B 222 18.98 22.87 21.62
N ALA B 223 18.96 21.54 21.89
CA ALA B 223 18.34 20.53 21.05
C ALA B 223 17.02 19.93 21.59
N ARG B 224 16.27 19.27 20.70
CA ARG B 224 14.99 18.60 20.91
C ARG B 224 15.30 17.14 20.52
N LEU B 225 15.60 16.31 21.56
CA LEU B 225 16.08 14.93 21.44
C LEU B 225 15.13 13.83 21.93
N PRO B 226 15.21 12.59 21.37
CA PRO B 226 14.33 11.50 21.85
C PRO B 226 14.90 10.80 23.10
N VAL B 227 14.90 11.50 24.23
CA VAL B 227 15.47 11.11 25.53
C VAL B 227 15.11 9.68 25.99
N LYS B 228 13.84 9.28 25.88
CA LYS B 228 13.39 7.92 26.27
C LYS B 228 13.97 6.77 25.42
N TRP B 229 14.60 7.08 24.27
CA TRP B 229 15.23 6.05 23.41
C TRP B 229 16.76 6.09 23.50
N MET B 230 17.30 7.10 24.20
CA MET B 230 18.72 7.38 24.30
C MET B 230 19.44 6.72 25.46
N ALA B 231 20.67 6.27 25.16
CA ALA B 231 21.58 5.64 26.11
C ALA B 231 22.05 6.71 27.11
N PRO B 232 22.38 6.35 28.37
CA PRO B 232 22.86 7.38 29.32
C PRO B 232 24.04 8.20 28.82
N GLU B 233 25.02 7.57 28.13
CA GLU B 233 26.19 8.23 27.55
C GLU B 233 25.81 9.28 26.47
N SER B 234 24.68 9.06 25.74
CA SER B 234 24.18 9.99 24.71
C SER B 234 23.53 11.21 25.38
N ILE B 235 22.80 10.97 26.49
CA ILE B 235 22.12 12.03 27.26
C ILE B 235 23.14 12.92 27.95
N PHE B 236 23.99 12.32 28.79
CA PHE B 236 24.92 13.04 29.64
C PHE B 236 26.26 13.43 28.99
N ASN B 237 26.70 12.75 27.90
CA ASN B 237 27.96 13.10 27.27
C ASN B 237 27.87 13.34 25.75
N SER B 238 26.66 13.21 25.17
CA SER B 238 26.36 13.39 23.73
C SER B 238 27.19 12.46 22.81
N VAL B 239 27.54 11.28 23.38
CA VAL B 239 28.29 10.19 22.77
C VAL B 239 27.27 9.28 22.05
N TYR B 240 27.48 9.07 20.75
CA TYR B 240 26.68 8.19 19.91
C TYR B 240 27.59 7.15 19.31
N THR B 241 27.44 5.89 19.74
CA THR B 241 28.28 4.79 19.28
C THR B 241 27.44 3.69 18.66
N PHE B 242 28.06 2.54 18.37
CA PHE B 242 27.35 1.36 17.92
C PHE B 242 26.50 0.85 19.09
N GLU B 243 27.04 0.99 20.32
CA GLU B 243 26.46 0.55 21.60
C GLU B 243 25.24 1.39 22.05
N SER B 244 25.17 2.69 21.64
CA SER B 244 24.01 3.52 22.00
C SER B 244 22.86 3.17 21.07
N ASP B 245 23.17 2.76 19.82
CA ASP B 245 22.18 2.29 18.84
C ASP B 245 21.53 1.00 19.34
N VAL B 246 22.30 0.15 20.05
CA VAL B 246 21.84 -1.09 20.66
C VAL B 246 20.90 -0.77 21.81
N TRP B 247 21.23 0.25 22.66
CA TRP B 247 20.34 0.71 23.75
C TRP B 247 18.97 1.04 23.15
N SER B 248 18.94 1.90 22.10
CA SER B 248 17.74 2.33 21.38
C SER B 248 16.94 1.16 20.83
N TYR B 249 17.64 0.10 20.37
CA TYR B 249 17.02 -1.14 19.87
C TYR B 249 16.25 -1.83 20.99
N GLY B 250 16.78 -1.81 22.22
CA GLY B 250 16.11 -2.37 23.39
C GLY B 250 14.81 -1.61 23.67
N ILE B 251 14.81 -0.27 23.42
CA ILE B 251 13.61 0.57 23.60
C ILE B 251 12.60 0.25 22.50
N PHE B 252 13.11 0.09 21.24
CA PHE B 252 12.30 -0.31 20.10
C PHE B 252 11.58 -1.65 20.42
N LEU B 253 12.28 -2.64 21.02
CA LEU B 253 11.72 -3.94 21.40
C LEU B 253 10.58 -3.81 22.37
N TRP B 254 10.76 -2.95 23.38
CA TRP B 254 9.73 -2.62 24.36
C TRP B 254 8.49 -2.05 23.67
N GLU B 255 8.68 -1.11 22.71
CA GLU B 255 7.59 -0.48 21.92
C GLU B 255 6.83 -1.57 21.16
N LEU B 256 7.57 -2.43 20.45
CA LEU B 256 7.08 -3.54 19.62
C LEU B 256 6.17 -4.51 20.39
N PHE B 257 6.66 -5.03 21.54
CA PHE B 257 5.95 -5.98 22.39
C PHE B 257 4.86 -5.33 23.30
N SER B 258 4.84 -4.00 23.39
CA SER B 258 3.82 -3.20 24.10
C SER B 258 2.75 -2.77 23.10
N LEU B 259 2.90 -3.16 21.82
CA LEU B 259 2.01 -2.86 20.70
C LEU B 259 1.90 -1.35 20.43
N GLY B 260 3.03 -0.64 20.51
CA GLY B 260 3.12 0.79 20.21
C GLY B 260 2.97 1.76 21.36
N SER B 261 3.22 1.32 22.60
CA SER B 261 3.12 2.21 23.74
C SER B 261 4.34 3.05 23.82
N SER B 262 4.22 4.22 24.47
CA SER B 262 5.34 5.12 24.69
C SER B 262 6.20 4.55 25.80
N PRO B 263 7.55 4.58 25.68
CA PRO B 263 8.38 4.03 26.77
C PRO B 263 8.21 4.80 28.08
N TYR B 264 8.57 4.15 29.21
CA TYR B 264 8.47 4.67 30.56
C TYR B 264 7.07 5.28 30.73
N PRO B 265 5.98 4.48 30.55
CA PRO B 265 4.63 5.03 30.65
C PRO B 265 4.34 5.74 31.98
N GLY B 266 3.74 6.92 31.88
CA GLY B 266 3.35 7.76 33.03
C GLY B 266 4.48 8.51 33.70
N MET B 267 5.72 8.31 33.23
CA MET B 267 6.95 8.91 33.75
C MET B 267 7.37 10.06 32.86
N PRO B 268 7.34 11.32 33.33
CA PRO B 268 7.78 12.43 32.45
C PRO B 268 9.29 12.58 32.42
N VAL B 269 9.81 13.25 31.39
CA VAL B 269 11.25 13.51 31.28
C VAL B 269 11.58 14.77 32.11
N ASP B 270 11.97 14.54 33.36
CA ASP B 270 12.32 15.60 34.29
C ASP B 270 13.64 15.29 35.00
N SER B 271 13.98 16.03 36.07
CA SER B 271 15.20 15.82 36.85
C SER B 271 15.18 14.40 37.46
N LYS B 272 14.00 13.97 37.96
CA LYS B 272 13.73 12.67 38.59
C LYS B 272 13.94 11.53 37.59
N PHE B 273 13.56 11.73 36.29
CA PHE B 273 13.75 10.71 35.25
C PHE B 273 15.23 10.43 35.00
N TYR B 274 16.06 11.49 34.83
CA TYR B 274 17.49 11.32 34.57
C TYR B 274 18.19 10.65 35.75
N LYS B 275 17.80 11.04 36.99
CA LYS B 275 18.32 10.48 38.25
C LYS B 275 18.09 8.96 38.28
N MET B 276 16.84 8.49 38.02
CA MET B 276 16.45 7.08 38.04
C MET B 276 17.20 6.22 37.01
N ILE B 277 17.45 6.76 35.79
CA ILE B 277 18.17 6.07 34.72
C ILE B 277 19.64 5.86 35.12
N LYS B 278 20.26 6.91 35.71
CA LYS B 278 21.64 6.89 36.21
C LYS B 278 21.75 5.91 37.40
N GLU B 279 20.64 5.72 38.14
CA GLU B 279 20.57 4.84 39.32
C GLU B 279 20.22 3.37 38.97
N GLY B 280 20.18 3.05 37.67
CA GLY B 280 19.90 1.71 37.18
C GLY B 280 18.46 1.30 36.99
N PHE B 281 17.51 2.29 36.95
CA PHE B 281 16.09 1.98 36.70
C PHE B 281 15.93 1.52 35.27
N ARG B 282 15.15 0.48 35.08
CA ARG B 282 14.87 -0.01 33.73
C ARG B 282 13.43 -0.46 33.74
N MET B 283 12.73 -0.27 32.61
CA MET B 283 11.34 -0.71 32.43
C MET B 283 11.18 -2.21 32.66
N SER B 284 9.98 -2.61 33.13
CA SER B 284 9.62 -4.02 33.28
C SER B 284 9.17 -4.48 31.92
N SER B 285 8.88 -5.77 31.84
CA SER B 285 8.52 -6.45 30.62
C SER B 285 7.13 -6.16 30.10
N PRO B 286 6.98 -5.92 28.78
CA PRO B 286 5.63 -5.85 28.19
C PRO B 286 4.93 -7.20 28.39
N GLU B 287 3.59 -7.23 28.55
CA GLU B 287 2.82 -8.48 28.75
C GLU B 287 3.20 -9.55 27.71
N TYR B 288 3.16 -9.15 26.44
CA TYR B 288 3.34 -9.93 25.23
C TYR B 288 4.80 -10.16 24.83
N ALA B 289 5.80 -9.78 25.66
CA ALA B 289 7.19 -10.07 25.30
C ALA B 289 7.65 -11.43 25.83
N PRO B 290 8.14 -12.33 24.93
CA PRO B 290 8.70 -13.60 25.38
C PRO B 290 9.92 -13.36 26.28
N ALA B 291 10.11 -14.22 27.28
CA ALA B 291 11.21 -14.18 28.26
C ALA B 291 12.58 -13.78 27.70
N GLU B 292 13.05 -14.48 26.63
CA GLU B 292 14.37 -14.27 26.02
C GLU B 292 14.47 -12.99 25.20
N MET B 293 13.31 -12.38 24.84
CA MET B 293 13.21 -11.08 24.17
C MET B 293 13.37 -9.96 25.20
N TYR B 294 12.85 -10.17 26.43
CA TYR B 294 13.02 -9.21 27.53
C TYR B 294 14.47 -9.29 28.01
N ASP B 295 15.06 -10.50 27.89
CA ASP B 295 16.44 -10.77 28.22
C ASP B 295 17.34 -9.93 27.32
N ILE B 296 17.01 -9.84 26.00
CA ILE B 296 17.75 -9.02 25.03
C ILE B 296 17.65 -7.56 25.46
N MET B 297 16.42 -7.06 25.76
CA MET B 297 16.16 -5.71 26.23
C MET B 297 17.04 -5.34 27.42
N LYS B 298 17.05 -6.17 28.49
CA LYS B 298 17.87 -5.97 29.69
C LYS B 298 19.35 -5.82 29.38
N THR B 299 19.91 -6.61 28.43
CA THR B 299 21.33 -6.50 28.05
C THR B 299 21.61 -5.23 27.23
N CYS B 300 20.65 -4.79 26.34
CA CYS B 300 20.74 -3.57 25.52
C CYS B 300 20.80 -2.35 26.43
N TRP B 301 20.14 -2.46 27.59
CA TRP B 301 20.05 -1.40 28.59
C TRP B 301 21.12 -1.53 29.68
N ASP B 302 22.20 -2.28 29.45
CA ASP B 302 23.27 -2.34 30.42
C ASP B 302 23.94 -0.95 30.50
N ALA B 303 24.22 -0.47 31.72
CA ALA B 303 24.84 0.84 31.89
C ALA B 303 26.22 0.88 31.23
N ASP B 304 26.92 -0.28 31.20
CA ASP B 304 28.23 -0.39 30.55
C ASP B 304 28.01 -0.75 29.06
N PRO B 305 28.38 0.17 28.12
CA PRO B 305 28.19 -0.11 26.68
C PRO B 305 28.91 -1.37 26.22
N ASP B 306 30.02 -1.71 26.90
CA ASP B 306 30.87 -2.87 26.63
C ASP B 306 30.22 -4.20 27.02
N LYS B 307 29.17 -4.16 27.85
CA LYS B 307 28.42 -5.33 28.30
C LYS B 307 27.12 -5.51 27.48
N ARG B 308 26.82 -4.57 26.57
CA ARG B 308 25.65 -4.63 25.68
C ARG B 308 25.97 -5.60 24.51
N PRO B 309 24.97 -6.34 23.97
CA PRO B 309 25.28 -7.23 22.83
C PRO B 309 25.52 -6.41 21.56
N THR B 310 26.10 -7.03 20.54
CA THR B 310 26.25 -6.37 19.24
C THR B 310 24.96 -6.70 18.48
N PHE B 311 24.65 -5.99 17.38
CA PHE B 311 23.48 -6.36 16.59
C PHE B 311 23.60 -7.76 15.97
N LYS B 312 24.87 -8.20 15.72
CA LYS B 312 25.16 -9.51 15.13
C LYS B 312 24.83 -10.62 16.14
N GLN B 313 25.18 -10.41 17.43
CA GLN B 313 24.90 -11.34 18.53
C GLN B 313 23.36 -11.45 18.72
N ILE B 314 22.62 -10.30 18.61
CA ILE B 314 21.16 -10.17 18.68
C ILE B 314 20.53 -11.00 17.54
N VAL B 315 20.95 -10.78 16.26
CA VAL B 315 20.46 -11.55 15.08
C VAL B 315 20.56 -13.07 15.42
N GLN B 316 21.76 -13.55 15.85
CA GLN B 316 22.03 -14.94 16.24
C GLN B 316 21.12 -15.42 17.37
N ASP B 317 20.91 -14.60 18.40
CA ASP B 317 20.03 -14.88 19.54
C ASP B 317 18.57 -15.07 19.09
N ILE B 318 17.98 -14.11 18.31
CA ILE B 318 16.60 -14.18 17.80
C ILE B 318 16.44 -15.39 16.83
N GLU B 319 17.47 -15.66 16.00
CA GLU B 319 17.50 -16.78 15.06
C GLU B 319 17.20 -18.10 15.81
N LYS B 320 17.89 -18.31 16.98
CA LYS B 320 17.75 -19.45 17.90
C LYS B 320 16.29 -19.57 18.32
N GLN B 321 15.72 -18.46 18.84
CA GLN B 321 14.34 -18.33 19.33
C GLN B 321 13.32 -18.65 18.26
N ILE B 322 13.56 -18.17 17.02
CA ILE B 322 12.69 -18.38 15.86
C ILE B 322 12.72 -19.86 15.44
N SER B 323 13.92 -20.48 15.41
CA SER B 323 14.07 -21.90 15.03
C SER B 323 13.34 -22.83 16.01
N GLU B 324 13.30 -22.47 17.32
CA GLU B 324 12.63 -23.24 18.37
C GLU B 324 11.10 -23.22 18.24
N SER B 325 10.52 -22.16 17.61
CA SER B 325 9.07 -22.01 17.35
C SER B 325 8.54 -23.09 16.38
#